data_3GVY
#
_entry.id   3GVY
#
_cell.length_a   160.495
_cell.length_b   160.495
_cell.length_c   116.276
_cell.angle_alpha   90.000
_cell.angle_beta   90.000
_cell.angle_gamma   90.000
#
_symmetry.space_group_name_H-M   'I 4 2 2'
#
loop_
_entity.id
_entity.type
_entity.pdbx_description
1 polymer Bacterioferritin
2 non-polymer 'PROTOPORPHYRIN IX CONTAINING FE'
3 non-polymer 'FE (III) ION'
#
_entity_poly.entity_id   1
_entity_poly.type   'polypeptide(L)'
_entity_poly.pdbx_seq_one_letter_code
;MQGDAKVIEYLNAALRSELTAVSQYWLHYRLQEDWGFGSIAHKSRKESIEEMHHADKLIQRIIFLGGHPNLQRLNPLRIG
QTLRETLDADLAAEHDARTLYIEARDHCEKVRDYPSKMLFEELIADEEGHIDYLETQIDLMGSIGEQNYGMLNAKPADEA
E
;
_entity_poly.pdbx_strand_id   A,B,C
#
loop_
_chem_comp.id
_chem_comp.type
_chem_comp.name
_chem_comp.formula
FE non-polymer 'FE (III) ION' 'Fe 3'
HEM non-polymer 'PROTOPORPHYRIN IX CONTAINING FE' 'C34 H32 Fe N4 O4'
#
# COMPACT_ATOMS: atom_id res chain seq x y z
N MET A 1 15.63 -1.36 -0.30
CA MET A 1 16.69 -2.31 -0.73
C MET A 1 16.39 -2.96 -2.07
N GLN A 2 17.43 -3.15 -2.88
CA GLN A 2 17.23 -3.63 -4.24
C GLN A 2 16.65 -5.03 -4.20
N GLY A 3 15.64 -5.27 -5.02
CA GLY A 3 14.88 -6.50 -4.97
C GLY A 3 14.93 -7.14 -6.33
N ASP A 4 14.49 -8.39 -6.39
CA ASP A 4 14.57 -9.16 -7.61
C ASP A 4 13.91 -8.37 -8.76
N ALA A 5 14.66 -8.10 -9.82
CA ALA A 5 14.09 -7.32 -10.94
C ALA A 5 12.77 -7.94 -11.46
N LYS A 6 12.55 -9.21 -11.19
CA LYS A 6 11.40 -9.88 -11.73
C LYS A 6 10.25 -9.89 -10.69
N VAL A 7 10.59 -10.08 -9.43
CA VAL A 7 9.61 -10.03 -8.38
C VAL A 7 8.83 -8.71 -8.53
N ILE A 8 9.55 -7.63 -8.76
CA ILE A 8 8.93 -6.34 -9.03
C ILE A 8 7.99 -6.38 -10.21
N GLU A 9 8.47 -6.85 -11.38
CA GLU A 9 7.60 -6.96 -12.56
C GLU A 9 6.31 -7.70 -12.17
N TYR A 10 6.47 -8.84 -11.46
CA TYR A 10 5.35 -9.67 -11.01
C TYR A 10 4.44 -8.87 -10.10
N LEU A 11 5.04 -8.20 -9.13
CA LEU A 11 4.28 -7.34 -8.25
C LEU A 11 3.50 -6.23 -8.96
N ASN A 12 4.08 -5.65 -10.01
CA ASN A 12 3.35 -4.71 -10.88
C ASN A 12 2.20 -5.34 -11.63
N ALA A 13 2.45 -6.49 -12.27
CA ALA A 13 1.38 -7.21 -12.97
C ALA A 13 0.22 -7.48 -11.97
N ALA A 14 0.55 -8.10 -10.84
CA ALA A 14 -0.40 -8.22 -9.71
C ALA A 14 -1.17 -6.92 -9.44
N LEU A 15 -0.46 -5.80 -9.34
CA LEU A 15 -1.07 -4.48 -9.02
C LEU A 15 -2.01 -4.06 -10.09
N ARG A 16 -1.63 -4.34 -11.33
CA ARG A 16 -2.52 -4.06 -12.44
C ARG A 16 -3.78 -4.91 -12.33
N SER A 17 -3.70 -5.96 -11.53
CA SER A 17 -4.77 -6.91 -11.43
C SER A 17 -5.79 -6.50 -10.39
N GLU A 18 -5.34 -6.23 -9.16
CA GLU A 18 -6.19 -5.66 -8.11
C GLU A 18 -6.82 -4.36 -8.59
N LEU A 19 -6.05 -3.46 -9.16
CA LEU A 19 -6.59 -2.18 -9.58
C LEU A 19 -7.71 -2.39 -10.60
N THR A 20 -7.61 -3.47 -11.35
CA THR A 20 -8.67 -3.84 -12.26
C THR A 20 -9.84 -4.35 -11.46
N ALA A 21 -9.55 -5.24 -10.51
CA ALA A 21 -10.60 -5.80 -9.68
C ALA A 21 -11.32 -4.70 -8.87
N VAL A 22 -10.65 -3.56 -8.69
CA VAL A 22 -11.22 -2.52 -7.86
C VAL A 22 -12.29 -1.81 -8.64
N SER A 23 -11.92 -1.32 -9.81
CA SER A 23 -12.87 -0.60 -10.66
C SER A 23 -14.02 -1.51 -11.11
N GLN A 24 -13.78 -2.80 -11.13
CA GLN A 24 -14.75 -3.71 -11.67
C GLN A 24 -15.82 -4.03 -10.65
N TYR A 25 -15.45 -4.29 -9.40
CA TYR A 25 -16.50 -4.48 -8.37
C TYR A 25 -17.13 -3.16 -7.95
N TRP A 26 -16.39 -2.05 -8.04
CA TRP A 26 -16.96 -0.75 -7.64
C TRP A 26 -18.04 -0.40 -8.58
N LEU A 27 -17.75 -0.63 -9.86
CA LEU A 27 -18.67 -0.38 -10.94
C LEU A 27 -19.83 -1.32 -10.86
N HIS A 28 -19.59 -2.52 -10.38
CA HIS A 28 -20.69 -3.44 -10.17
C HIS A 28 -21.53 -3.06 -8.99
N TYR A 29 -20.90 -2.53 -7.94
CA TYR A 29 -21.65 -2.09 -6.77
C TYR A 29 -22.70 -1.09 -7.19
N ARG A 30 -22.31 -0.13 -8.03
CA ARG A 30 -23.24 0.90 -8.46
C ARG A 30 -24.30 0.44 -9.47
N LEU A 31 -24.04 -0.66 -10.18
CA LEU A 31 -25.05 -1.14 -11.12
C LEU A 31 -26.14 -1.96 -10.43
N GLN A 32 -25.70 -2.83 -9.51
CA GLN A 32 -26.60 -3.68 -8.77
C GLN A 32 -27.50 -2.88 -7.85
N GLU A 33 -27.01 -1.80 -7.25
CA GLU A 33 -27.90 -1.05 -6.33
C GLU A 33 -28.97 -0.29 -7.13
N ASP A 34 -28.56 0.28 -8.26
CA ASP A 34 -29.49 0.94 -9.15
C ASP A 34 -30.49 -0.04 -9.81
N TRP A 35 -30.15 -1.33 -9.87
CA TRP A 35 -31.11 -2.30 -10.38
C TRP A 35 -32.09 -2.76 -9.28
N GLY A 36 -31.89 -2.30 -8.06
CA GLY A 36 -32.78 -2.73 -7.01
C GLY A 36 -32.21 -3.80 -6.11
N PHE A 37 -30.94 -4.14 -6.28
CA PHE A 37 -30.30 -5.17 -5.47
C PHE A 37 -29.24 -4.59 -4.54
N GLY A 38 -29.64 -3.66 -3.69
CA GLY A 38 -28.67 -2.97 -2.83
C GLY A 38 -27.95 -3.83 -1.81
N SER A 39 -28.41 -5.05 -1.58
CA SER A 39 -27.78 -5.87 -0.56
C SER A 39 -26.59 -6.67 -1.13
N ILE A 40 -26.62 -7.00 -2.40
CA ILE A 40 -25.45 -7.63 -2.97
C ILE A 40 -24.49 -6.49 -3.40
N ALA A 41 -25.08 -5.32 -3.54
CA ALA A 41 -24.35 -4.16 -3.94
C ALA A 41 -23.61 -3.58 -2.74
N HIS A 42 -24.02 -3.99 -1.52
CA HIS A 42 -23.27 -3.61 -0.32
C HIS A 42 -22.04 -4.49 -0.18
N LYS A 43 -22.17 -5.74 -0.62
CA LYS A 43 -21.04 -6.65 -0.63
C LYS A 43 -20.09 -6.24 -1.72
N SER A 44 -20.64 -5.99 -2.90
CA SER A 44 -19.79 -5.70 -4.06
C SER A 44 -18.89 -4.52 -3.70
N ARG A 45 -19.38 -3.70 -2.76
CA ARG A 45 -18.69 -2.51 -2.33
C ARG A 45 -17.55 -2.83 -1.41
N LYS A 46 -17.81 -3.69 -0.44
CA LYS A 46 -16.77 -4.03 0.53
C LYS A 46 -15.68 -4.84 -0.16
N GLU A 47 -16.05 -5.65 -1.16
CA GLU A 47 -15.08 -6.40 -1.93
C GLU A 47 -14.15 -5.51 -2.72
N SER A 48 -14.67 -4.37 -3.07
CA SER A 48 -13.88 -3.39 -3.77
C SER A 48 -12.88 -2.64 -2.88
N ILE A 49 -13.26 -2.39 -1.64
CA ILE A 49 -12.43 -1.71 -0.66
C ILE A 49 -11.34 -2.67 -0.16
N GLU A 50 -11.66 -3.96 -0.19
CA GLU A 50 -10.77 -5.03 0.18
C GLU A 50 -9.67 -5.07 -0.87
N GLU A 51 -10.06 -4.96 -2.12
CA GLU A 51 -9.07 -4.97 -3.14
C GLU A 51 -8.32 -3.66 -3.09
N MET A 52 -8.96 -2.63 -2.54
CA MET A 52 -8.30 -1.34 -2.42
C MET A 52 -7.06 -1.51 -1.52
N HIS A 53 -7.20 -2.14 -0.35
CA HIS A 53 -6.11 -2.32 0.61
C HIS A 53 -5.07 -3.28 0.08
N HIS A 54 -5.48 -4.15 -0.85
CA HIS A 54 -4.58 -5.06 -1.56
C HIS A 54 -3.56 -4.30 -2.41
N ALA A 55 -4.04 -3.38 -3.22
CA ALA A 55 -3.17 -2.61 -4.07
C ALA A 55 -2.33 -1.75 -3.18
N ASP A 56 -2.93 -1.19 -2.15
CA ASP A 56 -2.16 -0.38 -1.25
C ASP A 56 -0.94 -1.11 -0.75
N LYS A 57 -1.12 -2.38 -0.35
CA LYS A 57 -0.03 -3.21 0.16
C LYS A 57 1.00 -3.40 -0.94
N LEU A 58 0.53 -3.70 -2.14
CA LEU A 58 1.42 -4.00 -3.27
C LEU A 58 2.31 -2.80 -3.58
N ILE A 59 1.68 -1.63 -3.73
CA ILE A 59 2.46 -0.45 -3.95
C ILE A 59 3.47 -0.29 -2.81
N GLN A 60 3.07 -0.51 -1.56
CA GLN A 60 4.01 -0.33 -0.43
C GLN A 60 5.31 -1.12 -0.67
N ARG A 61 5.12 -2.38 -1.08
CA ARG A 61 6.17 -3.37 -1.21
C ARG A 61 7.10 -3.13 -2.39
N ILE A 62 6.57 -2.53 -3.45
CA ILE A 62 7.34 -2.30 -4.64
C ILE A 62 8.33 -1.20 -4.33
N ILE A 63 7.78 -0.12 -3.83
CA ILE A 63 8.55 1.03 -3.49
C ILE A 63 9.65 0.61 -2.54
N PHE A 64 9.36 -0.39 -1.70
CA PHE A 64 10.36 -0.92 -0.78
C PHE A 64 11.53 -1.47 -1.56
N LEU A 65 11.24 -2.40 -2.49
CA LEU A 65 12.25 -3.03 -3.38
C LEU A 65 12.87 -2.05 -4.45
N GLY A 66 12.68 -0.75 -4.22
CA GLY A 66 13.18 0.27 -5.11
C GLY A 66 12.65 0.09 -6.51
N GLY A 67 11.38 -0.31 -6.65
CA GLY A 67 10.71 -0.33 -7.97
C GLY A 67 9.76 0.84 -8.19
N HIS A 68 9.14 0.88 -9.36
CA HIS A 68 8.23 1.96 -9.76
C HIS A 68 6.84 1.34 -10.07
N PRO A 69 5.88 1.55 -9.16
CA PRO A 69 4.54 0.97 -9.30
C PRO A 69 3.81 1.57 -10.49
N ASN A 70 3.63 0.77 -11.55
CA ASN A 70 2.77 1.18 -12.66
C ASN A 70 1.29 1.15 -12.31
N LEU A 71 0.71 2.32 -11.97
CA LEU A 71 -0.73 2.41 -11.66
C LEU A 71 -1.49 2.77 -12.92
N GLN A 72 -0.74 3.21 -13.92
CA GLN A 72 -1.21 3.84 -15.16
C GLN A 72 -2.18 3.00 -16.01
N ARG A 73 -2.15 1.68 -15.88
CA ARG A 73 -2.99 0.84 -16.76
C ARG A 73 -3.71 -0.31 -16.07
N LEU A 74 -4.90 -0.63 -16.59
CA LEU A 74 -5.72 -1.69 -16.06
C LEU A 74 -5.84 -2.75 -17.12
N ASN A 75 -6.30 -3.94 -16.74
CA ASN A 75 -6.58 -4.99 -17.69
C ASN A 75 -7.99 -4.90 -18.23
N PRO A 76 -8.41 -5.89 -19.01
CA PRO A 76 -9.75 -5.69 -19.62
C PRO A 76 -10.87 -5.97 -18.63
N LEU A 77 -11.65 -4.94 -18.32
CA LEU A 77 -12.74 -5.00 -17.36
C LEU A 77 -13.94 -5.74 -17.88
N ARG A 78 -14.49 -6.61 -17.04
CA ARG A 78 -15.75 -7.29 -17.34
C ARG A 78 -16.93 -6.65 -16.61
N ILE A 79 -18.02 -6.41 -17.35
CA ILE A 79 -19.22 -5.85 -16.72
C ILE A 79 -20.48 -6.62 -17.09
N GLY A 80 -21.00 -7.39 -16.13
CA GLY A 80 -22.28 -8.06 -16.31
C GLY A 80 -23.42 -7.11 -16.62
N GLN A 81 -24.44 -7.63 -17.33
CA GLN A 81 -25.66 -6.84 -17.51
C GLN A 81 -26.79 -7.29 -16.62
N THR A 82 -26.59 -8.42 -15.98
CA THR A 82 -27.60 -9.06 -15.19
C THR A 82 -26.96 -9.59 -13.90
N LEU A 83 -27.68 -9.61 -12.80
CA LEU A 83 -27.08 -10.18 -11.61
C LEU A 83 -26.13 -11.33 -11.93
N ARG A 84 -26.57 -12.36 -12.66
CA ARG A 84 -25.74 -13.56 -12.88
C ARG A 84 -24.43 -13.23 -13.59
N GLU A 85 -24.48 -12.33 -14.57
CA GLU A 85 -23.31 -11.92 -15.34
C GLU A 85 -22.31 -11.17 -14.46
N THR A 86 -22.86 -10.42 -13.50
CA THR A 86 -22.09 -9.74 -12.45
C THR A 86 -21.30 -10.73 -11.59
N LEU A 87 -21.91 -11.87 -11.25
CA LEU A 87 -21.26 -12.89 -10.42
C LEU A 87 -20.32 -13.79 -11.22
N ASP A 88 -20.38 -13.72 -12.54
CA ASP A 88 -19.51 -14.48 -13.40
C ASP A 88 -18.30 -13.63 -13.68
N ALA A 89 -18.55 -12.36 -13.95
CA ALA A 89 -17.49 -11.43 -14.27
C ALA A 89 -16.50 -11.43 -13.10
N ASP A 90 -17.04 -11.42 -11.88
CA ASP A 90 -16.19 -11.50 -10.74
C ASP A 90 -15.50 -12.86 -10.67
N LEU A 91 -16.24 -13.95 -10.87
CA LEU A 91 -15.67 -15.30 -10.78
C LEU A 91 -14.51 -15.50 -11.75
N ALA A 92 -14.70 -15.04 -12.98
CA ALA A 92 -13.69 -15.23 -14.03
C ALA A 92 -12.49 -14.36 -13.72
N ALA A 93 -12.74 -13.26 -13.03
CA ALA A 93 -11.67 -12.36 -12.65
C ALA A 93 -10.83 -13.02 -11.59
N GLU A 94 -11.48 -13.38 -10.48
CA GLU A 94 -10.81 -14.04 -9.37
C GLU A 94 -10.03 -15.32 -9.77
N HIS A 95 -10.47 -15.95 -10.84
CA HIS A 95 -9.76 -17.10 -11.34
C HIS A 95 -8.48 -16.73 -12.00
N ASP A 96 -8.54 -15.77 -12.93
CA ASP A 96 -7.34 -15.31 -13.62
C ASP A 96 -6.43 -14.85 -12.54
N ALA A 97 -6.79 -13.78 -11.88
CA ALA A 97 -6.03 -13.28 -10.75
C ALA A 97 -5.31 -14.39 -9.98
N ARG A 98 -5.93 -15.55 -9.85
CA ARG A 98 -5.36 -16.58 -9.01
C ARG A 98 -4.17 -17.24 -9.68
N THR A 99 -4.45 -17.89 -10.80
CA THR A 99 -3.48 -18.47 -11.61
C THR A 99 -2.22 -17.63 -11.54
N LEU A 100 -2.38 -16.30 -11.62
CA LEU A 100 -1.22 -15.40 -11.63
C LEU A 100 -0.48 -15.35 -10.28
N TYR A 101 -1.22 -15.24 -9.19
CA TYR A 101 -0.60 -15.05 -7.89
C TYR A 101 0.23 -16.24 -7.52
N ILE A 102 -0.16 -17.43 -8.02
CA ILE A 102 0.66 -18.62 -7.77
C ILE A 102 1.96 -18.56 -8.59
N GLU A 103 1.83 -18.22 -9.87
CA GLU A 103 2.96 -18.27 -10.74
C GLU A 103 4.01 -17.25 -10.32
N ALA A 104 3.52 -16.10 -9.82
CA ALA A 104 4.33 -15.10 -9.17
C ALA A 104 4.81 -15.62 -7.87
N ARG A 105 3.94 -16.34 -7.16
CA ARG A 105 4.30 -16.90 -5.86
C ARG A 105 5.52 -17.77 -6.05
N ASP A 106 5.41 -18.70 -7.02
CA ASP A 106 6.42 -19.75 -7.29
C ASP A 106 7.73 -19.21 -7.72
N HIS A 107 7.78 -17.89 -7.82
CA HIS A 107 8.94 -17.21 -8.30
C HIS A 107 9.59 -16.52 -7.16
N CYS A 108 8.83 -16.00 -6.20
CA CYS A 108 9.47 -15.29 -5.11
C CYS A 108 10.39 -16.13 -4.26
N GLU A 109 10.01 -17.37 -4.00
CA GLU A 109 10.94 -18.29 -3.29
C GLU A 109 12.21 -18.60 -4.10
N LYS A 110 12.06 -18.92 -5.38
CA LYS A 110 13.22 -19.22 -6.21
C LYS A 110 14.22 -18.09 -6.06
N VAL A 111 13.75 -16.87 -6.14
CA VAL A 111 14.67 -15.78 -5.95
C VAL A 111 14.88 -15.49 -4.49
N ARG A 112 14.31 -16.36 -3.65
CA ARG A 112 14.44 -16.28 -2.19
C ARG A 112 13.93 -14.98 -1.57
N ASP A 113 12.88 -14.42 -2.17
CA ASP A 113 12.22 -13.29 -1.63
C ASP A 113 10.96 -13.77 -0.92
N TYR A 114 11.13 -14.25 0.31
CA TYR A 114 10.03 -14.85 1.00
C TYR A 114 8.89 -13.93 1.54
N PRO A 115 9.20 -12.73 2.07
CA PRO A 115 8.00 -11.97 2.51
C PRO A 115 7.12 -11.61 1.33
N SER A 116 7.74 -11.28 0.20
CA SER A 116 7.00 -11.08 -1.02
C SER A 116 6.31 -12.33 -1.49
N LYS A 117 6.78 -13.49 -1.05
CA LYS A 117 6.08 -14.74 -1.37
C LYS A 117 4.80 -14.87 -0.53
N MET A 118 4.90 -14.58 0.77
CA MET A 118 3.76 -14.68 1.67
C MET A 118 2.89 -13.48 1.64
N LEU A 119 3.01 -12.68 0.59
CA LEU A 119 2.07 -11.63 0.34
C LEU A 119 1.26 -12.16 -0.82
N PHE A 120 1.78 -13.18 -1.48
CA PHE A 120 1.03 -13.89 -2.51
C PHE A 120 0.26 -15.02 -1.84
N GLU A 121 0.81 -15.53 -0.75
CA GLU A 121 0.12 -16.47 0.06
C GLU A 121 -1.12 -15.75 0.66
N GLU A 122 -0.96 -14.55 1.19
CA GLU A 122 -2.13 -13.78 1.60
C GLU A 122 -3.15 -13.61 0.45
N LEU A 123 -2.68 -13.11 -0.68
CA LEU A 123 -3.63 -12.77 -1.73
C LEU A 123 -4.37 -14.02 -2.19
N ILE A 124 -3.64 -15.12 -2.33
CA ILE A 124 -4.20 -16.35 -2.84
C ILE A 124 -5.33 -16.81 -1.98
N ALA A 125 -5.09 -16.82 -0.67
CA ALA A 125 -6.14 -17.13 0.32
C ALA A 125 -7.32 -16.16 0.28
N ASP A 126 -7.06 -14.87 0.09
CA ASP A 126 -8.12 -13.91 -0.09
C ASP A 126 -8.98 -14.23 -1.28
N GLU A 127 -8.33 -14.32 -2.45
CA GLU A 127 -9.01 -14.61 -3.70
C GLU A 127 -9.83 -15.88 -3.51
N GLU A 128 -9.18 -16.94 -3.04
CA GLU A 128 -9.86 -18.21 -2.92
C GLU A 128 -11.05 -18.04 -1.98
N GLY A 129 -10.87 -17.38 -0.86
CA GLY A 129 -12.00 -16.97 -0.04
C GLY A 129 -13.10 -16.33 -0.89
N HIS A 130 -12.73 -15.35 -1.70
CA HIS A 130 -13.67 -14.66 -2.60
C HIS A 130 -14.32 -15.62 -3.64
N ILE A 131 -13.50 -16.53 -4.17
CA ILE A 131 -14.00 -17.64 -5.00
C ILE A 131 -15.02 -18.49 -4.25
N ASP A 132 -14.68 -18.93 -3.03
CA ASP A 132 -15.61 -19.66 -2.21
C ASP A 132 -16.97 -18.98 -2.25
N TYR A 133 -16.98 -17.69 -1.89
CA TYR A 133 -18.23 -16.95 -1.75
C TYR A 133 -19.01 -16.79 -3.07
N LEU A 134 -18.30 -16.54 -4.16
CA LEU A 134 -18.98 -16.43 -5.43
C LEU A 134 -19.66 -17.72 -5.78
N GLU A 135 -18.96 -18.82 -5.61
CA GLU A 135 -19.52 -20.09 -6.02
C GLU A 135 -20.86 -20.35 -5.35
N THR A 136 -20.89 -20.09 -4.05
CA THR A 136 -22.03 -20.40 -3.22
C THR A 136 -23.23 -19.60 -3.77
N GLN A 137 -23.01 -18.34 -4.12
CA GLN A 137 -24.05 -17.53 -4.70
C GLN A 137 -24.63 -18.18 -5.96
N ILE A 138 -23.77 -18.67 -6.83
CA ILE A 138 -24.20 -19.22 -8.12
C ILE A 138 -24.86 -20.59 -7.92
N ASP A 139 -24.55 -21.29 -6.82
CA ASP A 139 -25.24 -22.54 -6.47
C ASP A 139 -26.61 -22.13 -5.94
N LEU A 140 -26.56 -21.27 -4.92
CA LEU A 140 -27.77 -20.73 -4.31
C LEU A 140 -28.68 -20.27 -5.40
N MET A 141 -28.13 -19.54 -6.37
CA MET A 141 -28.99 -18.92 -7.36
C MET A 141 -29.69 -19.95 -8.22
N GLY A 142 -28.86 -20.75 -8.89
CA GLY A 142 -29.35 -21.77 -9.80
C GLY A 142 -29.82 -22.96 -9.02
N SER A 143 -30.50 -22.69 -7.91
CA SER A 143 -31.19 -23.68 -7.10
C SER A 143 -32.58 -23.19 -6.70
N ILE A 144 -32.63 -22.04 -6.02
CA ILE A 144 -33.89 -21.31 -5.79
C ILE A 144 -34.34 -20.44 -6.99
N GLY A 145 -33.48 -20.27 -8.00
CA GLY A 145 -33.82 -19.48 -9.17
C GLY A 145 -33.48 -17.99 -9.12
N GLU A 146 -33.40 -17.38 -10.30
CA GLU A 146 -32.77 -16.08 -10.49
C GLU A 146 -33.59 -14.87 -10.02
N GLN A 147 -34.87 -15.10 -9.78
CA GLN A 147 -35.72 -14.02 -9.28
C GLN A 147 -35.76 -14.01 -7.77
N ASN A 148 -35.94 -15.17 -7.15
CA ASN A 148 -35.88 -15.23 -5.72
C ASN A 148 -34.53 -14.70 -5.30
N TYR A 149 -33.48 -15.21 -5.93
CA TYR A 149 -32.15 -14.69 -5.71
C TYR A 149 -32.12 -13.15 -5.60
N GLY A 150 -32.72 -12.51 -6.59
CA GLY A 150 -32.74 -11.05 -6.63
C GLY A 150 -33.60 -10.44 -5.53
N MET A 151 -34.73 -11.08 -5.26
CA MET A 151 -35.56 -10.62 -4.17
C MET A 151 -34.77 -10.73 -2.88
N LEU A 152 -34.37 -11.95 -2.53
CA LEU A 152 -33.45 -12.16 -1.42
C LEU A 152 -32.37 -11.11 -1.38
N ASN A 153 -31.95 -10.63 -2.56
CA ASN A 153 -30.83 -9.70 -2.61
C ASN A 153 -31.14 -8.22 -2.78
N ALA A 154 -32.42 -7.87 -2.66
CA ALA A 154 -32.83 -6.48 -2.82
C ALA A 154 -33.38 -5.90 -1.55
N LYS A 155 -33.94 -4.71 -1.63
CA LYS A 155 -34.62 -4.12 -0.47
C LYS A 155 -35.79 -3.25 -0.88
N PRO A 156 -36.76 -3.07 0.03
CA PRO A 156 -37.95 -2.27 -0.29
C PRO A 156 -37.80 -0.82 0.19
N ALA A 157 -38.46 0.14 -0.44
CA ALA A 157 -38.75 1.38 0.26
C ALA A 157 -38.69 1.12 1.79
N MET B 1 10.84 -32.80 22.27
CA MET B 1 10.93 -33.37 20.87
C MET B 1 12.29 -33.04 20.19
N GLN B 2 13.07 -34.08 19.89
CA GLN B 2 14.45 -33.91 19.40
C GLN B 2 14.56 -33.34 17.97
N GLY B 3 15.18 -32.17 17.86
CA GLY B 3 15.25 -31.47 16.61
C GLY B 3 16.42 -31.90 15.78
N ASP B 4 16.33 -31.62 14.48
CA ASP B 4 17.46 -31.62 13.57
C ASP B 4 18.68 -30.86 14.15
N ALA B 5 19.83 -31.52 14.14
CA ALA B 5 21.04 -30.97 14.73
C ALA B 5 21.35 -29.55 14.17
N LYS B 6 21.22 -29.41 12.86
CA LYS B 6 21.52 -28.17 12.19
C LYS B 6 20.47 -27.08 12.41
N VAL B 7 19.20 -27.45 12.44
CA VAL B 7 18.18 -26.49 12.81
C VAL B 7 18.46 -25.96 14.20
N ILE B 8 18.90 -26.84 15.10
CA ILE B 8 19.15 -26.40 16.46
C ILE B 8 20.44 -25.63 16.59
N GLU B 9 20.89 -24.98 15.53
CA GLU B 9 22.06 -24.11 15.67
C GLU B 9 21.95 -22.95 14.74
N TYR B 10 21.08 -23.09 13.73
CA TYR B 10 20.71 -21.96 12.96
C TYR B 10 20.00 -21.13 13.96
N LEU B 11 19.14 -21.78 14.74
CA LEU B 11 18.42 -21.09 15.82
C LEU B 11 19.38 -20.37 16.78
N ASN B 12 20.55 -20.97 16.96
CA ASN B 12 21.54 -20.49 17.88
C ASN B 12 22.41 -19.40 17.25
N ALA B 13 22.51 -19.32 15.94
CA ALA B 13 23.20 -18.18 15.37
C ALA B 13 22.20 -17.02 15.25
N ALA B 14 20.91 -17.34 15.16
CA ALA B 14 19.91 -16.31 15.16
C ALA B 14 19.85 -15.74 16.58
N LEU B 15 19.95 -16.61 17.56
CA LEU B 15 19.99 -16.18 18.92
C LEU B 15 21.18 -15.25 19.09
N ARG B 16 22.30 -15.63 18.51
CA ARG B 16 23.51 -14.86 18.69
C ARG B 16 23.31 -13.47 18.11
N SER B 17 22.89 -13.43 16.84
CA SER B 17 22.78 -12.18 16.15
C SER B 17 21.65 -11.32 16.73
N GLU B 18 20.79 -11.94 17.56
CA GLU B 18 19.67 -11.22 18.14
C GLU B 18 20.07 -10.54 19.40
N LEU B 19 20.84 -11.22 20.24
CA LEU B 19 21.36 -10.65 21.50
C LEU B 19 22.28 -9.48 21.25
N THR B 20 23.01 -9.52 20.12
CA THR B 20 23.96 -8.46 19.79
C THR B 20 23.13 -7.31 19.39
N ALA B 21 22.17 -7.58 18.52
CA ALA B 21 21.18 -6.61 18.16
C ALA B 21 20.69 -5.91 19.43
N VAL B 22 20.31 -6.70 20.44
CA VAL B 22 19.67 -6.11 21.62
C VAL B 22 20.62 -5.13 22.26
N SER B 23 21.81 -5.60 22.57
CA SER B 23 22.89 -4.73 23.12
C SER B 23 23.19 -3.49 22.29
N GLN B 24 23.32 -3.69 20.99
CA GLN B 24 23.68 -2.64 20.10
C GLN B 24 22.62 -1.59 20.15
N TYR B 25 21.40 -1.97 19.82
CA TYR B 25 20.28 -1.05 19.85
C TYR B 25 20.20 -0.26 21.15
N TRP B 26 20.34 -0.95 22.28
CA TRP B 26 20.21 -0.31 23.58
C TRP B 26 21.31 0.68 23.93
N LEU B 27 22.52 0.37 23.51
CA LEU B 27 23.62 1.32 23.56
C LEU B 27 23.32 2.63 22.75
N HIS B 28 22.81 2.51 21.53
CA HIS B 28 22.46 3.67 20.76
C HIS B 28 21.39 4.48 21.41
N TYR B 29 20.47 3.82 22.06
CA TYR B 29 19.41 4.50 22.78
C TYR B 29 20.06 5.39 23.81
N ARG B 30 21.00 4.84 24.53
CA ARG B 30 21.54 5.55 25.63
C ARG B 30 22.51 6.61 25.17
N LEU B 31 22.93 6.45 23.93
CA LEU B 31 23.84 7.39 23.31
C LEU B 31 23.06 8.49 22.65
N GLN B 32 22.25 8.10 21.68
CA GLN B 32 21.39 9.04 20.99
C GLN B 32 20.72 9.94 21.99
N GLU B 33 20.36 9.42 23.16
CA GLU B 33 19.76 10.27 24.22
C GLU B 33 20.70 11.25 24.95
N ASP B 34 21.92 10.84 25.29
CA ASP B 34 22.87 11.76 25.93
C ASP B 34 23.33 12.85 24.94
N TRP B 35 23.19 12.56 23.65
CA TRP B 35 23.50 13.47 22.55
C TRP B 35 22.49 14.58 22.30
N GLY B 36 21.24 14.37 22.72
CA GLY B 36 20.15 15.34 22.49
C GLY B 36 18.98 14.83 21.66
N PHE B 37 19.17 13.70 20.99
CA PHE B 37 18.20 13.20 20.05
C PHE B 37 17.28 12.22 20.73
N GLY B 38 16.41 12.71 21.61
CA GLY B 38 15.52 11.87 22.38
C GLY B 38 14.58 10.96 21.59
N SER B 39 13.94 11.50 20.54
CA SER B 39 12.94 10.74 19.83
C SER B 39 13.53 9.53 19.13
N ILE B 40 14.47 9.74 18.22
CA ILE B 40 15.13 8.58 17.67
C ILE B 40 15.80 7.70 18.74
N ALA B 41 16.26 8.29 19.84
CA ALA B 41 16.75 7.50 20.97
C ALA B 41 15.70 6.49 21.48
N HIS B 42 14.46 6.95 21.51
CA HIS B 42 13.30 6.18 21.94
C HIS B 42 12.87 5.06 20.98
N LYS B 43 13.00 5.30 19.67
CA LYS B 43 12.74 4.28 18.66
C LYS B 43 13.79 3.23 18.84
N SER B 44 15.02 3.70 18.99
CA SER B 44 16.16 2.86 19.17
C SER B 44 15.86 1.93 20.36
N ARG B 45 15.14 2.46 21.34
CA ARG B 45 14.84 1.71 22.53
C ARG B 45 13.72 0.70 22.28
N LYS B 46 12.65 1.12 21.59
CA LYS B 46 11.56 0.18 21.32
C LYS B 46 12.11 -1.05 20.60
N GLU B 47 13.05 -0.82 19.69
CA GLU B 47 13.59 -1.85 18.83
C GLU B 47 14.50 -2.87 19.54
N SER B 48 15.34 -2.38 20.43
CA SER B 48 15.94 -3.26 21.40
C SER B 48 14.89 -4.23 22.00
N ILE B 49 13.83 -3.67 22.55
CA ILE B 49 12.75 -4.46 23.13
C ILE B 49 12.10 -5.46 22.17
N GLU B 50 11.99 -5.13 20.89
CA GLU B 50 11.43 -6.11 19.96
C GLU B 50 12.36 -7.31 19.68
N GLU B 51 13.67 -7.03 19.69
CA GLU B 51 14.66 -8.10 19.61
C GLU B 51 14.66 -8.92 20.91
N MET B 52 14.47 -8.24 22.05
CA MET B 52 14.34 -8.94 23.34
C MET B 52 13.33 -10.07 23.14
N HIS B 53 12.29 -9.79 22.36
CA HIS B 53 11.23 -10.73 22.12
C HIS B 53 11.59 -11.78 21.13
N HIS B 54 12.47 -11.45 20.22
CA HIS B 54 12.90 -12.44 19.27
C HIS B 54 13.79 -13.43 19.98
N ALA B 55 14.84 -12.91 20.62
CA ALA B 55 15.70 -13.72 21.47
C ALA B 55 14.89 -14.73 22.21
N ASP B 56 13.87 -14.28 22.92
CA ASP B 56 13.00 -15.18 23.66
C ASP B 56 12.42 -16.28 22.80
N LYS B 57 11.71 -15.92 21.75
CA LYS B 57 11.13 -16.95 20.88
C LYS B 57 12.19 -17.95 20.47
N LEU B 58 13.40 -17.50 20.19
CA LEU B 58 14.44 -18.43 19.73
C LEU B 58 14.83 -19.37 20.84
N ILE B 59 15.04 -18.82 22.03
CA ILE B 59 15.40 -19.63 23.18
C ILE B 59 14.33 -20.71 23.37
N GLN B 60 13.06 -20.32 23.22
CA GLN B 60 11.95 -21.23 23.46
C GLN B 60 11.98 -22.41 22.53
N ARG B 61 12.07 -22.10 21.23
CA ARG B 61 12.01 -23.08 20.19
C ARG B 61 13.11 -24.11 20.39
N ILE B 62 14.32 -23.64 20.70
CA ILE B 62 15.49 -24.51 20.89
C ILE B 62 15.26 -25.55 21.96
N ILE B 63 14.69 -25.10 23.07
CA ILE B 63 14.49 -25.94 24.22
C ILE B 63 13.42 -26.96 23.86
N PHE B 64 12.38 -26.53 23.16
CA PHE B 64 11.40 -27.51 22.75
C PHE B 64 12.12 -28.61 21.96
N LEU B 65 13.09 -28.19 21.16
CA LEU B 65 13.74 -29.13 20.25
C LEU B 65 14.75 -30.04 20.95
N GLY B 66 15.01 -29.76 22.22
CA GLY B 66 15.96 -30.53 23.01
C GLY B 66 17.36 -30.12 22.63
N GLY B 67 17.58 -28.82 22.46
CA GLY B 67 18.91 -28.26 22.16
C GLY B 67 19.31 -27.29 23.27
N HIS B 68 20.54 -26.82 23.30
CA HIS B 68 20.96 -26.08 24.49
C HIS B 68 21.30 -24.63 24.19
N PRO B 69 20.38 -23.67 24.50
CA PRO B 69 20.59 -22.32 24.06
C PRO B 69 21.95 -21.86 24.45
N ASN B 70 22.54 -21.00 23.63
CA ASN B 70 23.92 -20.53 23.86
C ASN B 70 23.98 -19.04 24.04
N LEU B 71 23.50 -18.50 25.16
CA LEU B 71 23.53 -17.06 25.33
C LEU B 71 24.91 -16.57 25.73
N GLN B 72 25.95 -17.36 25.47
CA GLN B 72 27.25 -17.11 26.13
C GLN B 72 28.01 -15.95 25.54
N ARG B 73 28.17 -15.99 24.24
CA ARG B 73 28.96 -14.99 23.58
C ARG B 73 28.05 -14.40 22.53
N LEU B 74 28.25 -13.12 22.22
CA LEU B 74 27.53 -12.48 21.11
C LEU B 74 28.48 -11.86 20.08
N ASN B 75 27.99 -11.76 18.82
CA ASN B 75 28.73 -11.24 17.66
C ASN B 75 29.39 -9.93 17.94
N PRO B 76 30.34 -9.51 17.09
CA PRO B 76 30.98 -8.21 17.24
C PRO B 76 29.97 -7.15 16.92
N LEU B 77 29.82 -6.20 17.82
CA LEU B 77 28.88 -5.10 17.71
C LEU B 77 29.40 -3.94 17.00
N ARG B 78 28.52 -3.34 16.24
CA ARG B 78 28.83 -2.07 15.60
C ARG B 78 28.20 -0.87 16.34
N ILE B 79 29.04 -0.01 16.91
CA ILE B 79 28.60 1.14 17.68
C ILE B 79 28.90 2.44 16.89
N GLY B 80 27.87 3.24 16.60
CA GLY B 80 28.05 4.50 15.86
C GLY B 80 28.75 5.58 16.67
N GLN B 81 29.32 6.57 15.98
CA GLN B 81 30.01 7.68 16.64
C GLN B 81 29.37 9.04 16.30
N THR B 82 28.32 8.97 15.50
CA THR B 82 27.43 10.09 15.15
C THR B 82 26.05 9.53 14.90
N LEU B 83 25.06 10.41 14.92
CA LEU B 83 23.72 10.01 14.60
C LEU B 83 23.68 9.28 13.25
N ARG B 84 24.16 9.90 12.17
CA ARG B 84 24.29 9.25 10.85
C ARG B 84 24.93 7.83 10.90
N GLU B 85 25.99 7.68 11.70
CA GLU B 85 26.70 6.39 11.86
C GLU B 85 25.91 5.32 12.61
N THR B 86 25.03 5.77 13.49
CA THR B 86 24.19 4.87 14.24
C THR B 86 23.23 4.13 13.33
N LEU B 87 22.54 4.88 12.48
CA LEU B 87 21.60 4.28 11.53
C LEU B 87 22.35 3.36 10.54
N ASP B 88 23.51 3.81 10.08
CA ASP B 88 24.32 3.03 9.14
C ASP B 88 24.60 1.74 9.85
N ALA B 89 25.23 1.85 11.01
CA ALA B 89 25.73 0.70 11.72
C ALA B 89 24.58 -0.24 12.07
N ASP B 90 23.39 0.31 12.28
CA ASP B 90 22.22 -0.52 12.53
C ASP B 90 21.65 -1.18 11.26
N LEU B 91 21.92 -0.58 10.12
CA LEU B 91 21.47 -1.10 8.83
C LEU B 91 22.27 -2.30 8.39
N ALA B 92 23.55 -2.35 8.76
CA ALA B 92 24.34 -3.53 8.40
C ALA B 92 24.00 -4.71 9.33
N ALA B 93 23.90 -4.43 10.62
CA ALA B 93 23.52 -5.49 11.56
C ALA B 93 22.29 -6.20 10.98
N GLU B 94 21.33 -5.38 10.53
CA GLU B 94 20.11 -5.87 9.94
C GLU B 94 20.33 -6.64 8.65
N HIS B 95 20.99 -6.04 7.64
CA HIS B 95 21.28 -6.76 6.41
C HIS B 95 21.92 -8.11 6.69
N ASP B 96 22.71 -8.20 7.75
CA ASP B 96 23.35 -9.47 7.98
C ASP B 96 22.27 -10.48 8.38
N ALA B 97 21.61 -10.20 9.51
CA ALA B 97 20.67 -11.12 10.12
C ALA B 97 19.60 -11.59 9.13
N ARG B 98 19.04 -10.66 8.37
CA ARG B 98 18.16 -11.02 7.26
C ARG B 98 18.84 -12.02 6.33
N THR B 99 20.11 -11.82 6.01
CA THR B 99 20.79 -12.81 5.16
C THR B 99 20.89 -14.11 5.88
N LEU B 100 21.25 -14.08 7.15
CA LEU B 100 21.39 -15.30 7.95
C LEU B 100 20.11 -16.12 8.01
N TYR B 101 19.03 -15.41 8.37
CA TYR B 101 17.71 -15.95 8.50
C TYR B 101 17.21 -16.64 7.22
N ILE B 102 17.61 -16.16 6.06
CA ILE B 102 17.04 -16.84 4.92
C ILE B 102 17.74 -18.19 4.77
N GLU B 103 19.02 -18.19 5.05
CA GLU B 103 19.85 -19.31 4.72
C GLU B 103 19.42 -20.45 5.64
N ALA B 104 18.92 -20.08 6.80
CA ALA B 104 18.43 -21.00 7.83
C ALA B 104 17.01 -21.38 7.54
N ARG B 105 16.27 -20.42 7.00
CA ARG B 105 14.86 -20.62 6.71
C ARG B 105 14.71 -21.79 5.76
N ASP B 106 15.65 -22.00 4.85
CA ASP B 106 15.44 -23.12 3.95
C ASP B 106 16.20 -24.37 4.31
N HIS B 107 17.13 -24.28 5.24
CA HIS B 107 17.61 -25.51 5.82
C HIS B 107 16.41 -26.22 6.38
N CYS B 108 15.64 -25.49 7.19
CA CYS B 108 14.40 -25.99 7.80
C CYS B 108 13.41 -26.57 6.80
N GLU B 109 13.21 -25.89 5.67
CA GLU B 109 12.39 -26.44 4.60
C GLU B 109 12.89 -27.85 4.24
N LYS B 110 14.21 -28.01 4.19
CA LYS B 110 14.82 -29.26 3.70
C LYS B 110 14.66 -30.41 4.72
N VAL B 111 14.82 -30.11 6.00
CA VAL B 111 14.68 -31.14 7.03
C VAL B 111 13.22 -31.31 7.43
N ARG B 112 12.37 -30.44 6.93
CA ARG B 112 10.97 -30.58 7.13
C ARG B 112 10.60 -30.05 8.49
N ASP B 113 11.32 -29.04 8.96
CA ASP B 113 10.94 -28.43 10.20
C ASP B 113 10.16 -27.15 9.95
N TYR B 114 8.94 -27.33 9.45
CA TYR B 114 8.07 -26.23 9.05
C TYR B 114 7.72 -25.14 10.09
N PRO B 115 7.65 -25.48 11.40
CA PRO B 115 7.41 -24.31 12.27
C PRO B 115 8.66 -23.47 12.45
N SER B 116 9.82 -24.09 12.65
CA SER B 116 11.06 -23.32 12.54
C SER B 116 11.04 -22.60 11.21
N LYS B 117 10.78 -23.30 10.11
CA LYS B 117 10.67 -22.65 8.82
C LYS B 117 9.87 -21.37 8.90
N MET B 118 8.75 -21.39 9.60
CA MET B 118 7.89 -20.21 9.73
C MET B 118 8.45 -19.14 10.62
N LEU B 119 9.10 -19.56 11.69
CA LEU B 119 9.73 -18.63 12.60
C LEU B 119 10.58 -17.67 11.81
N PHE B 120 11.46 -18.25 11.01
CA PHE B 120 12.38 -17.48 10.26
C PHE B 120 11.65 -16.65 9.19
N GLU B 121 10.65 -17.24 8.54
CA GLU B 121 9.93 -16.44 7.56
C GLU B 121 9.26 -15.25 8.20
N GLU B 122 8.94 -15.38 9.48
CA GLU B 122 8.47 -14.26 10.27
C GLU B 122 9.59 -13.30 10.64
N LEU B 123 10.73 -13.83 11.07
CA LEU B 123 11.85 -12.96 11.49
C LEU B 123 12.35 -12.05 10.36
N ILE B 124 12.30 -12.59 9.14
CA ILE B 124 12.63 -11.82 7.97
C ILE B 124 11.76 -10.57 7.94
N ALA B 125 10.45 -10.75 7.88
CA ALA B 125 9.52 -9.62 7.77
C ALA B 125 9.71 -8.57 8.85
N ASP B 126 10.23 -8.94 10.00
CA ASP B 126 10.49 -7.96 11.03
C ASP B 126 11.82 -7.28 10.85
N GLU B 127 12.80 -7.95 10.27
CA GLU B 127 14.05 -7.25 10.00
C GLU B 127 13.93 -6.35 8.76
N GLU B 128 12.92 -6.65 7.93
CA GLU B 128 12.60 -5.95 6.72
C GLU B 128 11.89 -4.67 7.07
N GLY B 129 10.91 -4.78 7.94
CA GLY B 129 10.31 -3.59 8.56
C GLY B 129 11.37 -2.61 9.09
N HIS B 130 12.41 -3.14 9.73
CA HIS B 130 13.45 -2.30 10.31
C HIS B 130 14.33 -1.70 9.22
N ILE B 131 14.56 -2.46 8.16
CA ILE B 131 15.43 -1.96 7.11
C ILE B 131 14.67 -0.85 6.39
N ASP B 132 13.45 -1.17 6.00
CA ASP B 132 12.68 -0.19 5.29
C ASP B 132 12.70 1.08 6.12
N TYR B 133 12.60 0.90 7.42
CA TYR B 133 12.68 1.99 8.30
C TYR B 133 14.04 2.70 8.25
N LEU B 134 15.14 1.98 8.45
CA LEU B 134 16.41 2.69 8.45
C LEU B 134 16.72 3.27 7.09
N GLU B 135 16.36 2.55 6.05
CA GLU B 135 16.65 3.11 4.72
C GLU B 135 16.00 4.48 4.67
N THR B 136 14.68 4.47 4.69
CA THR B 136 13.84 5.67 4.70
C THR B 136 14.36 6.78 5.61
N GLN B 137 15.03 6.41 6.68
CA GLN B 137 15.52 7.43 7.55
C GLN B 137 16.79 8.00 6.95
N ILE B 138 17.48 7.18 6.15
CA ILE B 138 18.62 7.71 5.41
C ILE B 138 18.16 8.64 4.28
N ASP B 139 17.23 8.21 3.41
CA ASP B 139 16.62 9.07 2.35
C ASP B 139 16.31 10.43 2.97
N LEU B 140 15.50 10.42 4.02
CA LEU B 140 15.10 11.66 4.66
C LEU B 140 16.34 12.42 5.06
N MET B 141 17.20 11.79 5.85
CA MET B 141 18.40 12.48 6.31
C MET B 141 19.15 13.10 5.13
N GLY B 142 19.63 12.27 4.22
CA GLY B 142 20.21 12.71 2.95
C GLY B 142 19.57 13.97 2.39
N SER B 143 18.24 14.09 2.41
CA SER B 143 17.58 15.17 1.64
C SER B 143 17.27 16.47 2.39
N ILE B 144 16.93 16.38 3.66
CA ILE B 144 16.67 17.59 4.42
C ILE B 144 17.91 17.98 5.23
N GLY B 145 19.08 17.64 4.69
CA GLY B 145 20.34 17.92 5.36
C GLY B 145 20.49 17.12 6.64
N GLU B 146 21.68 16.51 6.78
CA GLU B 146 22.08 15.71 7.96
C GLU B 146 22.23 16.56 9.25
N GLN B 147 21.74 17.79 9.20
CA GLN B 147 21.79 18.72 10.34
C GLN B 147 20.39 19.01 10.91
N ASN B 148 19.42 19.11 10.00
CA ASN B 148 18.04 19.30 10.37
C ASN B 148 17.45 18.02 10.84
N TYR B 149 17.66 16.95 10.10
CA TYR B 149 17.27 15.64 10.58
C TYR B 149 17.69 15.45 12.04
N GLY B 150 18.93 15.81 12.33
CA GLY B 150 19.40 15.87 13.69
C GLY B 150 18.37 16.47 14.61
N MET B 151 17.88 17.64 14.25
CA MET B 151 17.00 18.43 15.12
C MET B 151 15.53 17.93 15.12
N LEU B 152 15.05 17.45 13.98
CA LEU B 152 13.72 16.86 13.90
C LEU B 152 13.57 15.75 14.90
N ASN B 153 14.70 15.22 15.36
CA ASN B 153 14.71 14.10 16.26
C ASN B 153 15.11 14.43 17.68
N ALA B 154 15.05 15.70 18.04
CA ALA B 154 15.41 16.12 19.36
C ALA B 154 14.19 16.43 20.20
N LYS B 155 14.41 17.00 21.37
CA LYS B 155 13.36 17.56 22.22
C LYS B 155 13.85 18.87 22.86
N PRO B 156 12.98 19.60 23.54
CA PRO B 156 13.54 20.79 24.18
C PRO B 156 13.47 20.80 25.70
N ALA B 157 12.23 20.88 26.20
CA ALA B 157 11.83 20.83 27.62
C ALA B 157 11.39 19.40 28.00
N ASP B 158 11.90 18.40 27.27
CA ASP B 158 11.62 16.99 27.55
C ASP B 158 12.91 16.19 27.41
N MET C 1 -33.28 7.71 -16.57
CA MET C 1 -33.73 9.02 -17.14
C MET C 1 -32.88 9.45 -18.32
N GLN C 2 -33.28 9.07 -19.53
CA GLN C 2 -32.43 9.19 -20.70
C GLN C 2 -31.76 10.59 -20.73
N GLY C 3 -30.44 10.57 -20.58
CA GLY C 3 -29.67 11.81 -20.43
C GLY C 3 -29.08 12.22 -21.75
N ASP C 4 -28.63 13.47 -21.85
CA ASP C 4 -28.04 13.95 -23.08
C ASP C 4 -26.71 13.24 -23.35
N ALA C 5 -26.61 12.59 -24.52
CA ALA C 5 -25.48 11.73 -24.86
C ALA C 5 -24.12 12.45 -24.72
N LYS C 6 -24.14 13.76 -24.92
CA LYS C 6 -22.96 14.62 -24.76
C LYS C 6 -22.60 14.95 -23.30
N VAL C 7 -23.63 15.08 -22.44
CA VAL C 7 -23.46 15.21 -20.98
C VAL C 7 -22.69 14.02 -20.41
N ILE C 8 -23.02 12.85 -20.95
CA ILE C 8 -22.49 11.58 -20.43
C ILE C 8 -21.04 11.44 -20.80
N GLU C 9 -20.70 11.84 -22.03
CA GLU C 9 -19.28 11.84 -22.38
C GLU C 9 -18.47 12.86 -21.62
N TYR C 10 -19.12 13.90 -21.08
CA TYR C 10 -18.39 14.86 -20.30
C TYR C 10 -18.14 14.33 -18.90
N LEU C 11 -19.18 13.73 -18.34
CA LEU C 11 -19.04 13.09 -17.06
C LEU C 11 -18.08 11.89 -17.18
N ASN C 12 -18.12 11.18 -18.30
CA ASN C 12 -17.20 10.08 -18.48
C ASN C 12 -15.78 10.61 -18.46
N ALA C 13 -15.57 11.81 -19.01
CA ALA C 13 -14.23 12.40 -19.05
C ALA C 13 -13.78 12.82 -17.63
N ALA C 14 -14.66 13.52 -16.92
CA ALA C 14 -14.41 13.84 -15.53
C ALA C 14 -14.09 12.59 -14.70
N LEU C 15 -14.76 11.49 -15.01
CA LEU C 15 -14.49 10.22 -14.34
C LEU C 15 -13.05 9.77 -14.54
N ARG C 16 -12.66 9.59 -15.79
CA ARG C 16 -11.30 9.30 -16.16
C ARG C 16 -10.35 10.32 -15.59
N SER C 17 -10.84 11.53 -15.36
CA SER C 17 -9.98 12.57 -14.81
C SER C 17 -9.77 12.30 -13.32
N GLU C 18 -10.86 12.13 -12.60
CA GLU C 18 -10.77 11.82 -11.18
C GLU C 18 -10.03 10.47 -10.91
N LEU C 19 -10.38 9.41 -11.64
CA LEU C 19 -9.74 8.10 -11.44
C LEU C 19 -8.26 8.23 -11.54
N THR C 20 -7.82 8.92 -12.56
CA THR C 20 -6.47 9.38 -12.71
C THR C 20 -5.94 10.04 -11.44
N ALA C 21 -6.75 10.93 -10.89
CA ALA C 21 -6.31 11.73 -9.75
C ALA C 21 -6.15 10.89 -8.50
N VAL C 22 -7.10 9.98 -8.30
CA VAL C 22 -7.04 9.00 -7.21
C VAL C 22 -5.66 8.37 -7.19
N SER C 23 -5.27 7.84 -8.34
CA SER C 23 -4.05 7.08 -8.53
C SER C 23 -2.83 7.92 -8.31
N GLN C 24 -2.79 9.09 -8.94
CA GLN C 24 -1.59 9.89 -8.84
C GLN C 24 -1.46 10.46 -7.41
N TYR C 25 -2.58 10.82 -6.78
CA TYR C 25 -2.50 11.22 -5.39
C TYR C 25 -2.06 10.08 -4.49
N TRP C 26 -2.54 8.88 -4.79
CA TRP C 26 -2.22 7.73 -3.95
C TRP C 26 -0.77 7.28 -4.07
N LEU C 27 -0.15 7.55 -5.23
CA LEU C 27 1.22 7.18 -5.45
C LEU C 27 2.15 8.13 -4.73
N HIS C 28 1.85 9.41 -4.83
CA HIS C 28 2.62 10.38 -4.09
C HIS C 28 2.45 10.09 -2.62
N TYR C 29 1.33 9.53 -2.22
CA TYR C 29 1.19 9.23 -0.82
C TYR C 29 2.32 8.30 -0.41
N ARG C 30 2.43 7.19 -1.12
CA ARG C 30 3.36 6.13 -0.79
C ARG C 30 4.82 6.54 -1.03
N LEU C 31 5.09 7.40 -2.01
CA LEU C 31 6.49 7.83 -2.21
C LEU C 31 7.00 8.75 -1.09
N GLN C 32 6.12 9.64 -0.64
CA GLN C 32 6.42 10.65 0.36
C GLN C 32 6.74 10.03 1.69
N GLU C 33 5.87 9.13 2.13
CA GLU C 33 6.13 8.29 3.31
C GLU C 33 7.50 7.62 3.21
N ASP C 34 7.75 6.94 2.10
CA ASP C 34 9.02 6.23 1.99
C ASP C 34 10.23 7.15 1.94
N TRP C 35 10.05 8.35 1.37
CA TRP C 35 11.09 9.36 1.39
C TRP C 35 11.27 9.99 2.78
N GLY C 36 10.25 9.91 3.61
CA GLY C 36 10.38 10.50 4.93
C GLY C 36 9.30 11.48 5.34
N PHE C 37 8.71 12.14 4.37
CA PHE C 37 7.81 13.22 4.69
C PHE C 37 6.46 12.73 5.09
N GLY C 38 6.45 12.11 6.28
CA GLY C 38 5.25 11.55 6.83
C GLY C 38 4.06 12.42 6.66
N SER C 39 4.17 13.70 7.02
CA SER C 39 3.00 14.56 7.09
C SER C 39 2.32 14.82 5.77
N ILE C 40 3.06 15.38 4.82
CA ILE C 40 2.51 15.76 3.50
C ILE C 40 2.01 14.48 2.84
N ALA C 41 2.66 13.37 3.19
CA ALA C 41 2.26 12.07 2.72
C ALA C 41 0.88 11.73 3.24
N HIS C 42 0.59 12.10 4.49
CA HIS C 42 -0.66 11.72 5.11
C HIS C 42 -1.72 12.57 4.47
N LYS C 43 -1.32 13.76 4.01
CA LYS C 43 -2.25 14.70 3.39
C LYS C 43 -2.61 14.24 1.99
N SER C 44 -1.66 13.64 1.28
CA SER C 44 -1.95 13.15 -0.06
C SER C 44 -2.81 11.87 -0.06
N ARG C 45 -2.60 11.03 0.95
CA ARG C 45 -3.52 9.96 1.27
C ARG C 45 -4.96 10.46 1.31
N LYS C 46 -5.19 11.59 1.95
CA LYS C 46 -6.55 12.07 2.10
C LYS C 46 -7.09 12.79 0.88
N GLU C 47 -6.24 13.52 0.16
CA GLU C 47 -6.68 14.17 -1.05
C GLU C 47 -6.97 13.13 -2.12
N SER C 48 -6.43 11.92 -1.97
CA SER C 48 -6.72 10.85 -2.93
C SER C 48 -8.12 10.34 -2.66
N ILE C 49 -8.43 10.10 -1.39
CA ILE C 49 -9.74 9.69 -0.97
C ILE C 49 -10.79 10.75 -1.31
N GLU C 50 -10.41 12.03 -1.27
CA GLU C 50 -11.30 13.08 -1.78
C GLU C 50 -11.83 12.70 -3.16
N GLU C 51 -10.93 12.56 -4.12
CA GLU C 51 -11.24 12.13 -5.46
C GLU C 51 -12.04 10.85 -5.47
N MET C 52 -11.82 9.99 -4.48
CA MET C 52 -12.44 8.68 -4.50
C MET C 52 -13.93 8.88 -4.46
N HIS C 53 -14.37 9.87 -3.69
CA HIS C 53 -15.78 10.21 -3.60
C HIS C 53 -16.28 10.87 -4.86
N HIS C 54 -15.43 11.64 -5.54
CA HIS C 54 -15.85 12.30 -6.79
C HIS C 54 -15.97 11.31 -7.94
N ALA C 55 -14.99 10.41 -8.06
CA ALA C 55 -15.10 9.38 -9.05
C ALA C 55 -16.38 8.64 -8.85
N ASP C 56 -16.75 8.42 -7.61
CA ASP C 56 -17.97 7.68 -7.32
C ASP C 56 -19.23 8.47 -7.74
N LYS C 57 -19.27 9.73 -7.34
CA LYS C 57 -20.38 10.62 -7.64
C LYS C 57 -20.60 10.72 -9.12
N LEU C 58 -19.54 10.56 -9.89
CA LEU C 58 -19.69 10.60 -11.32
C LEU C 58 -20.37 9.32 -11.77
N ILE C 59 -19.86 8.16 -11.32
CA ILE C 59 -20.44 6.89 -11.73
C ILE C 59 -21.94 6.87 -11.43
N GLN C 60 -22.27 7.23 -10.20
CA GLN C 60 -23.64 7.27 -9.73
C GLN C 60 -24.47 7.94 -10.78
N ARG C 61 -24.15 9.19 -11.06
CA ARG C 61 -24.97 10.03 -11.92
C ARG C 61 -25.09 9.52 -13.36
N ILE C 62 -23.95 9.19 -13.96
CA ILE C 62 -23.86 8.67 -15.32
C ILE C 62 -24.85 7.53 -15.49
N ILE C 63 -24.83 6.59 -14.54
CA ILE C 63 -25.67 5.37 -14.51
C ILE C 63 -27.15 5.77 -14.48
N PHE C 64 -27.44 6.79 -13.67
CA PHE C 64 -28.77 7.36 -13.57
C PHE C 64 -29.23 8.04 -14.85
N LEU C 65 -28.31 8.66 -15.57
CA LEU C 65 -28.70 9.26 -16.86
C LEU C 65 -28.90 8.20 -17.94
N GLY C 66 -28.76 6.93 -17.56
CA GLY C 66 -28.88 5.81 -18.48
C GLY C 66 -27.58 5.57 -19.24
N GLY C 67 -26.51 6.31 -18.91
CA GLY C 67 -25.22 6.08 -19.54
C GLY C 67 -24.45 4.86 -19.04
N HIS C 68 -23.29 4.62 -19.68
CA HIS C 68 -22.37 3.52 -19.37
C HIS C 68 -20.98 4.01 -18.98
N PRO C 69 -20.65 3.97 -17.68
CA PRO C 69 -19.37 4.51 -17.24
C PRO C 69 -18.15 3.80 -17.81
N ASN C 70 -17.02 4.49 -17.89
CA ASN C 70 -15.81 3.90 -18.43
C ASN C 70 -14.62 4.07 -17.48
N LEU C 71 -14.34 3.05 -16.71
CA LEU C 71 -13.21 3.11 -15.80
C LEU C 71 -11.99 2.44 -16.46
N GLN C 72 -12.18 2.03 -17.72
CA GLN C 72 -11.30 1.09 -18.42
C GLN C 72 -10.01 1.72 -18.75
N ARG C 73 -9.99 3.04 -18.63
CA ARG C 73 -8.83 3.83 -19.03
C ARG C 73 -8.65 5.06 -18.12
N LEU C 74 -7.41 5.56 -18.10
CA LEU C 74 -7.10 6.83 -17.49
C LEU C 74 -6.11 7.67 -18.32
N ASN C 75 -5.83 8.88 -17.85
CA ASN C 75 -5.02 9.86 -18.57
C ASN C 75 -3.55 9.71 -18.16
N PRO C 76 -2.62 10.35 -18.90
CA PRO C 76 -1.21 10.37 -18.50
C PRO C 76 -0.89 10.89 -17.08
N LEU C 77 -0.35 10.03 -16.23
CA LEU C 77 0.01 10.42 -14.87
C LEU C 77 1.27 11.21 -14.72
N ARG C 78 1.22 12.17 -13.83
CA ARG C 78 2.40 12.97 -13.53
C ARG C 78 2.95 12.57 -12.17
N ILE C 79 4.04 11.83 -12.20
CA ILE C 79 4.70 11.36 -11.00
C ILE C 79 6.04 12.08 -10.86
N GLY C 80 6.13 12.94 -9.86
CA GLY C 80 7.42 13.55 -9.54
C GLY C 80 8.33 12.62 -8.75
N GLN C 81 9.58 13.04 -8.56
CA GLN C 81 10.54 12.31 -7.73
C GLN C 81 11.08 13.15 -6.60
N THR C 82 11.25 14.44 -6.81
CA THR C 82 11.56 15.36 -5.73
C THR C 82 10.26 15.66 -4.97
N LEU C 83 10.33 16.40 -3.88
CA LEU C 83 9.11 16.77 -3.17
C LEU C 83 8.33 17.93 -3.86
N ARG C 84 9.06 18.88 -4.44
CA ARG C 84 8.48 20.04 -5.12
C ARG C 84 7.86 19.56 -6.41
N GLU C 85 8.50 18.60 -7.05
CA GLU C 85 7.97 18.01 -8.27
C GLU C 85 6.63 17.35 -7.99
N THR C 86 6.46 16.81 -6.78
CA THR C 86 5.16 16.26 -6.34
C THR C 86 4.10 17.34 -6.28
N LEU C 87 4.45 18.45 -5.66
CA LEU C 87 3.56 19.59 -5.61
C LEU C 87 3.29 20.23 -7.00
N ASP C 88 4.34 20.67 -7.73
CA ASP C 88 4.18 21.02 -9.17
C ASP C 88 3.24 20.01 -9.83
N ALA C 89 3.55 18.73 -9.68
CA ALA C 89 2.84 17.72 -10.42
C ALA C 89 1.34 17.77 -10.14
N ASP C 90 0.97 17.73 -8.86
CA ASP C 90 -0.45 17.77 -8.51
C ASP C 90 -1.11 19.05 -9.04
N LEU C 91 -0.43 20.19 -8.91
CA LEU C 91 -0.97 21.43 -9.39
C LEU C 91 -1.46 21.21 -10.81
N ALA C 92 -0.53 21.09 -11.74
CA ALA C 92 -0.83 20.83 -13.15
C ALA C 92 -2.06 19.93 -13.33
N ALA C 93 -2.21 18.89 -12.51
CA ALA C 93 -3.37 18.00 -12.67
C ALA C 93 -4.66 18.73 -12.34
N GLU C 94 -4.70 19.39 -11.19
CA GLU C 94 -5.83 20.23 -10.82
C GLU C 94 -6.15 21.28 -11.87
N HIS C 95 -5.18 22.08 -12.27
CA HIS C 95 -5.49 23.01 -13.35
C HIS C 95 -6.18 22.32 -14.53
N ASP C 96 -5.59 21.26 -15.05
CA ASP C 96 -6.20 20.51 -16.14
C ASP C 96 -7.68 20.22 -15.88
N ALA C 97 -7.92 19.54 -14.74
CA ALA C 97 -9.24 19.14 -14.32
C ALA C 97 -10.21 20.32 -14.36
N ARG C 98 -9.86 21.38 -13.65
CA ARG C 98 -10.70 22.57 -13.62
C ARG C 98 -11.00 23.11 -15.05
N THR C 99 -10.03 23.11 -15.96
CA THR C 99 -10.33 23.55 -17.30
C THR C 99 -11.41 22.67 -17.95
N LEU C 100 -11.37 21.37 -17.68
CA LEU C 100 -12.36 20.43 -18.18
C LEU C 100 -13.70 20.67 -17.48
N TYR C 101 -13.65 20.89 -16.17
CA TYR C 101 -14.87 21.03 -15.40
C TYR C 101 -15.67 22.26 -15.76
N ILE C 102 -14.94 23.35 -15.94
CA ILE C 102 -15.57 24.58 -16.35
C ILE C 102 -16.24 24.34 -17.68
N GLU C 103 -15.58 23.59 -18.57
CA GLU C 103 -16.18 23.40 -19.88
C GLU C 103 -17.42 22.52 -19.85
N ALA C 104 -17.34 21.41 -19.14
CA ALA C 104 -18.47 20.51 -18.99
C ALA C 104 -19.67 21.22 -18.32
N ARG C 105 -19.41 22.06 -17.33
CA ARG C 105 -20.55 22.75 -16.69
C ARG C 105 -21.33 23.61 -17.69
N ASP C 106 -20.63 24.20 -18.64
CA ASP C 106 -21.24 25.05 -19.64
C ASP C 106 -22.07 24.25 -20.63
N HIS C 107 -21.56 23.10 -21.03
CA HIS C 107 -22.36 22.22 -21.85
C HIS C 107 -23.68 21.90 -21.15
N CYS C 108 -23.65 21.60 -19.87
CA CYS C 108 -24.86 21.22 -19.15
C CYS C 108 -25.83 22.38 -19.00
N GLU C 109 -25.28 23.55 -18.65
CA GLU C 109 -26.09 24.74 -18.54
C GLU C 109 -26.89 24.94 -19.84
N LYS C 110 -26.26 24.61 -20.98
CA LYS C 110 -26.85 24.80 -22.30
C LYS C 110 -27.79 23.70 -22.74
N VAL C 111 -27.80 22.53 -22.10
CA VAL C 111 -28.80 21.50 -22.48
C VAL C 111 -29.95 21.54 -21.51
N ARG C 112 -29.80 22.44 -20.55
CA ARG C 112 -30.75 22.63 -19.45
C ARG C 112 -30.78 21.38 -18.58
N ASP C 113 -29.63 20.73 -18.43
CA ASP C 113 -29.48 19.65 -17.49
C ASP C 113 -28.84 20.25 -16.24
N TYR C 114 -29.67 20.83 -15.38
CA TYR C 114 -29.14 21.60 -14.25
C TYR C 114 -28.42 20.89 -13.11
N PRO C 115 -28.86 19.65 -12.71
CA PRO C 115 -28.14 18.95 -11.64
C PRO C 115 -26.74 18.52 -12.02
N SER C 116 -26.53 18.14 -13.26
CA SER C 116 -25.17 17.86 -13.71
C SER C 116 -24.35 19.13 -13.64
N LYS C 117 -24.97 20.27 -13.92
CA LYS C 117 -24.33 21.57 -13.86
C LYS C 117 -23.89 21.85 -12.45
N MET C 118 -24.75 21.53 -11.50
CA MET C 118 -24.42 21.79 -10.10
C MET C 118 -23.45 20.77 -9.54
N LEU C 119 -23.26 19.68 -10.25
CA LEU C 119 -22.24 18.75 -9.87
C LEU C 119 -20.86 19.32 -10.26
N PHE C 120 -20.74 19.69 -11.52
CA PHE C 120 -19.54 20.33 -12.01
C PHE C 120 -19.24 21.65 -11.33
N GLU C 121 -20.25 22.35 -10.85
CA GLU C 121 -19.95 23.54 -10.09
C GLU C 121 -19.47 23.18 -8.69
N GLU C 122 -20.05 22.14 -8.09
CA GLU C 122 -19.51 21.70 -6.81
C GLU C 122 -18.18 20.98 -6.99
N LEU C 123 -17.88 20.56 -8.22
CA LEU C 123 -16.62 19.90 -8.54
C LEU C 123 -15.52 20.91 -8.66
N ILE C 124 -15.83 22.04 -9.28
CA ILE C 124 -14.86 23.12 -9.46
C ILE C 124 -14.34 23.71 -8.13
N ALA C 125 -15.23 23.94 -7.19
CA ALA C 125 -14.84 24.43 -5.89
C ALA C 125 -13.88 23.43 -5.23
N ASP C 126 -14.25 22.16 -5.24
CA ASP C 126 -13.35 21.12 -4.81
C ASP C 126 -11.90 21.34 -5.29
N GLU C 127 -11.70 21.42 -6.60
CA GLU C 127 -10.36 21.39 -7.17
C GLU C 127 -9.64 22.69 -6.91
N GLU C 128 -10.42 23.76 -6.93
CA GLU C 128 -9.93 25.09 -6.63
C GLU C 128 -9.42 25.24 -5.20
N GLY C 129 -10.05 24.63 -4.21
CA GLY C 129 -9.57 24.74 -2.84
C GLY C 129 -8.29 23.95 -2.70
N HIS C 130 -8.21 22.90 -3.48
CA HIS C 130 -7.08 22.03 -3.56
C HIS C 130 -5.95 22.89 -4.05
N ILE C 131 -6.16 23.46 -5.23
CA ILE C 131 -5.27 24.42 -5.81
C ILE C 131 -4.82 25.46 -4.79
N ASP C 132 -5.75 26.22 -4.21
CA ASP C 132 -5.39 27.19 -3.16
C ASP C 132 -4.29 26.67 -2.25
N TYR C 133 -4.50 25.42 -1.84
CA TYR C 133 -3.66 24.72 -0.91
C TYR C 133 -2.27 24.47 -1.44
N LEU C 134 -2.20 23.78 -2.57
CA LEU C 134 -0.94 23.48 -3.20
C LEU C 134 -0.17 24.73 -3.46
N GLU C 135 -0.85 25.80 -3.87
CA GLU C 135 -0.10 26.99 -4.19
C GLU C 135 0.45 27.63 -2.95
N THR C 136 0.06 27.13 -1.80
CA THR C 136 0.54 27.66 -0.53
C THR C 136 1.81 26.91 -0.09
N GLN C 137 1.87 25.62 -0.40
CA GLN C 137 3.05 24.89 -0.05
C GLN C 137 4.20 25.43 -0.90
N ILE C 138 3.91 25.62 -2.19
CA ILE C 138 4.95 26.04 -3.06
C ILE C 138 5.24 27.46 -2.64
N ASP C 139 4.19 28.20 -2.24
CA ASP C 139 4.40 29.56 -1.75
C ASP C 139 5.36 29.55 -0.56
N LEU C 140 5.18 28.57 0.33
CA LEU C 140 5.98 28.47 1.54
C LEU C 140 7.32 27.88 1.23
N MET C 141 7.43 27.08 0.20
CA MET C 141 8.74 26.56 -0.19
C MET C 141 9.71 27.68 -0.56
N GLY C 142 9.26 28.59 -1.44
CA GLY C 142 9.99 29.79 -1.82
C GLY C 142 10.54 30.49 -0.59
N SER C 143 9.78 30.51 0.51
CA SER C 143 10.15 31.34 1.66
C SER C 143 11.16 30.76 2.67
N ILE C 144 10.93 29.53 3.13
CA ILE C 144 11.72 28.91 4.20
C ILE C 144 12.79 27.98 3.70
N GLY C 145 12.83 27.75 2.40
CA GLY C 145 13.86 26.89 1.83
C GLY C 145 13.23 25.56 1.50
N GLU C 146 13.68 25.02 0.36
CA GLU C 146 13.14 23.78 -0.25
C GLU C 146 13.50 22.61 0.69
N GLN C 147 14.29 22.90 1.71
CA GLN C 147 14.77 21.93 2.68
C GLN C 147 14.13 21.91 4.10
N ASN C 148 13.99 23.07 4.71
CA ASN C 148 13.19 23.17 5.92
C ASN C 148 11.75 22.76 5.71
N TYR C 149 11.22 23.01 4.51
CA TYR C 149 9.90 22.52 4.16
C TYR C 149 9.76 20.98 4.25
N GLY C 150 10.85 20.26 3.99
CA GLY C 150 10.81 18.80 4.04
C GLY C 150 10.73 18.29 5.47
N MET C 151 11.61 18.86 6.30
CA MET C 151 11.65 18.64 7.72
C MET C 151 10.37 19.02 8.45
N LEU C 152 9.69 20.05 7.98
CA LEU C 152 8.47 20.46 8.62
C LEU C 152 7.54 19.30 8.49
N ASN C 153 7.36 18.88 7.24
CA ASN C 153 6.46 17.79 6.92
C ASN C 153 7.01 16.39 7.22
N ALA C 154 8.24 16.30 7.68
CA ALA C 154 8.77 15.00 8.04
C ALA C 154 8.25 14.66 9.42
N LYS C 155 7.91 13.39 9.62
CA LYS C 155 7.67 12.90 10.97
C LYS C 155 9.01 12.54 11.60
N PRO C 156 9.19 12.76 12.94
CA PRO C 156 10.44 12.22 13.53
C PRO C 156 10.38 10.67 13.59
N ALA C 157 11.49 10.05 13.96
CA ALA C 157 11.54 8.61 14.12
C ALA C 157 10.64 8.09 15.26
N ASP C 158 9.70 8.92 15.70
CA ASP C 158 8.69 8.59 16.74
C ASP C 158 9.29 7.82 17.88
CHA HEM D . -12.04 4.20 1.21
CHB HEM D . -7.78 2.81 -0.69
CHC HEM D . -9.52 3.58 -5.23
CHD HEM D . -13.86 4.67 -3.32
C1A HEM D . -10.74 3.68 1.11
C2A HEM D . -9.95 3.17 2.22
C3A HEM D . -8.78 2.78 1.68
C4A HEM D . -8.80 3.04 0.24
CMA HEM D . -7.54 2.17 2.38
CAA HEM D . -10.51 3.13 3.69
CBA HEM D . -9.53 3.12 4.86
CGA HEM D . -9.99 2.20 5.99
O1A HEM D . -11.02 2.53 6.64
O2A HEM D . -9.37 1.13 6.26
C1B HEM D . -7.88 2.93 -2.07
C2B HEM D . -6.82 2.66 -3.02
C3B HEM D . -7.30 2.87 -4.27
C4B HEM D . -8.68 3.27 -4.17
CMB HEM D . -5.39 2.22 -2.65
CAB HEM D . -6.54 2.71 -5.61
CBB HEM D . -5.21 2.86 -5.66
C1C HEM D . -10.87 3.86 -5.18
C2C HEM D . -11.86 3.92 -6.25
C3C HEM D . -13.05 4.22 -5.70
C4C HEM D . -12.88 4.37 -4.27
CMC HEM D . -11.63 3.69 -7.76
CAC HEM D . -14.39 4.40 -6.44
CBC HEM D . -14.54 5.43 -7.26
C1D HEM D . -13.75 4.73 -1.93
C2D HEM D . -14.76 5.30 -1.05
C3D HEM D . -14.19 5.15 0.39
C4D HEM D . -12.90 4.53 0.19
CMD HEM D . -16.09 5.91 -1.55
CAD HEM D . -14.79 5.59 1.77
CBD HEM D . -15.99 4.77 2.20
CGD HEM D . -17.30 5.36 1.64
O1D HEM D . -17.55 6.58 1.86
O2D HEM D . -18.08 4.63 0.97
NA HEM D . -10.01 3.60 -0.07
NB HEM D . -8.99 3.30 -2.81
NC HEM D . -11.54 4.14 -4.00
ND HEM D . -12.68 4.30 -1.16
FE HEM D . -10.79 4.04 -2.14
FE FE E . -7.93 -9.80 -4.12
CHA HEM F . 11.85 -4.97 28.85
CHB HEM F . 13.31 -9.67 27.51
CHC HEM F . 17.98 -8.27 27.59
CHD HEM F . 16.52 -3.92 29.24
C1A HEM F . 11.79 -6.37 28.47
C2A HEM F . 10.63 -7.29 28.22
C3A HEM F . 11.04 -8.54 27.86
C4A HEM F . 12.50 -8.56 27.84
CMA HEM F . 10.14 -9.79 27.54
CAA HEM F . 9.14 -6.85 28.33
CBA HEM F . 8.19 -7.83 27.59
CGA HEM F . 6.81 -7.83 28.20
O1A HEM F . 6.10 -8.88 28.12
O2A HEM F . 6.40 -6.79 28.79
C1B HEM F . 14.70 -9.72 27.38
C2B HEM F . 15.54 -10.84 26.95
C3B HEM F . 16.83 -10.44 26.98
C4B HEM F . 16.87 -9.07 27.42
CMB HEM F . 15.07 -12.24 26.52
CAB HEM F . 18.05 -11.29 26.60
CBB HEM F . 18.82 -11.83 27.55
C1C HEM F . 17.98 -6.94 27.94
C2C HEM F . 19.08 -5.99 27.82
C3C HEM F . 18.67 -4.81 28.27
C4C HEM F . 17.29 -4.93 28.71
CMC HEM F . 20.48 -6.30 27.27
CAC HEM F . 19.53 -3.53 28.31
CBC HEM F . 19.77 -2.94 29.48
C1D HEM F . 15.14 -3.91 29.45
C2D HEM F . 14.44 -3.03 30.37
C3D HEM F . 12.94 -3.38 30.24
C4D HEM F . 12.97 -4.40 29.26
CMD HEM F . 15.06 -1.95 31.31
CAD HEM F . 11.68 -2.83 30.95
CBD HEM F . 10.92 -1.90 30.00
CGD HEM F . 9.42 -1.97 30.18
O1D HEM F . 8.78 -2.95 29.70
O2D HEM F . 8.85 -1.01 30.78
NA HEM F . 12.90 -7.24 28.20
NB HEM F . 15.56 -8.68 27.65
NC HEM F . 16.93 -6.24 28.49
ND HEM F . 14.23 -4.74 28.80
FE HEM F . 15.01 -6.82 28.31
FE FE G . 14.73 -9.39 14.80
FE FE H . -11.40 15.93 -7.68
#